data_6T0D
#
_entry.id   6T0D
#
_cell.length_a   39.975
_cell.length_b   103.991
_cell.length_c   42.026
_cell.angle_alpha   90.000
_cell.angle_beta   105.391
_cell.angle_gamma   90.000
#
_symmetry.space_group_name_H-M   'P 1 21 1'
#
loop_
_entity.id
_entity.type
_entity.pdbx_description
1 polymer YTHDC1
2 non-polymer ~{N}-methyl-3-phenyl-1~{H}-pyrazole-5-carboxamide
3 non-polymer 'SULFATE ION'
4 water water
#
_entity_poly.entity_id   1
_entity_poly.type   'polypeptide(L)'
_entity_poly.pdbx_seq_one_letter_code
;MHHHHHHSSGRENLYFQGTSKLKYVLQDARFFLIKSNNHENVSLAKAKGVWSTLPVNEKKLNLAFRSARSVILIFSVRES
GKFQGFARLSSESHHGGSPIHWVLPAGMSAKMLGGVFKIDWICRRELPFTKSAHLTNPWNEHKPVKIGRDGQEIELECGT
QLCLLFPPDESIDLYQVIHKMRH
;
_entity_poly.pdbx_strand_id   A,B
#
loop_
_chem_comp.id
_chem_comp.type
_chem_comp.name
_chem_comp.formula
M4N non-polymer ~{N}-methyl-3-phenyl-1~{H}-pyrazole-5-carboxamide 'C11 H11 N3 O'
SO4 non-polymer 'SULFATE ION' 'O4 S -2'
#
# COMPACT_ATOMS: atom_id res chain seq x y z
N GLY A 18 17.56 12.11 -16.13
CA GLY A 18 17.59 10.79 -15.55
C GLY A 18 17.31 10.79 -14.06
N THR A 19 17.57 9.66 -13.40
CA THR A 19 17.19 9.49 -12.00
C THR A 19 18.37 9.19 -11.08
N SER A 20 19.61 9.21 -11.58
CA SER A 20 20.73 8.75 -10.76
C SER A 20 21.06 9.73 -9.64
N LYS A 21 21.07 11.03 -9.93
CA LYS A 21 21.35 11.98 -8.87
C LYS A 21 20.23 12.00 -7.84
N LEU A 22 18.98 11.83 -8.31
CA LEU A 22 17.86 11.75 -7.38
C LEU A 22 17.98 10.55 -6.46
N LYS A 23 18.34 9.39 -7.02
CA LYS A 23 18.54 8.21 -6.17
C LYS A 23 19.65 8.45 -5.15
N TYR A 24 20.71 9.15 -5.54
CA TYR A 24 21.78 9.44 -4.59
C TYR A 24 21.30 10.33 -3.44
N VAL A 25 20.48 11.34 -3.75
CA VAL A 25 19.96 12.23 -2.71
C VAL A 25 19.06 11.47 -1.74
N LEU A 26 18.30 10.50 -2.24
CA LEU A 26 17.36 9.73 -1.41
C LEU A 26 18.01 8.57 -0.66
N GLN A 27 19.27 8.27 -0.94
CA GLN A 27 19.92 7.13 -0.31
C GLN A 27 19.97 7.34 1.19
N ASP A 28 19.44 6.36 1.94
CA ASP A 28 19.43 6.39 3.40
C ASP A 28 18.71 7.61 3.96
N ALA A 29 17.72 8.12 3.21
CA ALA A 29 16.97 9.29 3.64
C ALA A 29 15.84 8.89 4.58
N ARG A 30 15.30 9.88 5.26
CA ARG A 30 14.04 9.77 5.98
C ARG A 30 12.99 10.61 5.27
N PHE A 31 11.73 10.18 5.38
CA PHE A 31 10.63 10.74 4.61
C PHE A 31 9.48 11.06 5.53
N PHE A 32 8.85 12.22 5.32
CA PHE A 32 7.70 12.60 6.13
C PHE A 32 6.60 13.16 5.25
N LEU A 33 5.37 12.70 5.47
CA LEU A 33 4.19 13.23 4.81
C LEU A 33 3.83 14.57 5.43
N ILE A 34 3.61 15.57 4.58
CA ILE A 34 3.23 16.91 5.02
C ILE A 34 1.87 17.21 4.43
N LYS A 35 0.92 17.58 5.29
CA LYS A 35 -0.45 17.84 4.85
C LYS A 35 -0.77 19.31 5.12
N SER A 36 -1.03 20.05 4.04
CA SER A 36 -1.34 21.48 4.13
C SER A 36 -2.84 21.67 3.93
N ASN A 37 -3.39 22.65 4.63
CA ASN A 37 -4.81 22.98 4.49
C ASN A 37 -5.15 23.58 3.13
N ASN A 38 -4.18 24.19 2.47
CA ASN A 38 -4.50 25.01 1.31
C ASN A 38 -3.32 25.06 0.36
N HIS A 39 -3.63 25.34 -0.92
CA HIS A 39 -2.58 25.47 -1.91
C HIS A 39 -1.70 26.69 -1.64
N GLU A 40 -2.26 27.75 -1.03
CA GLU A 40 -1.52 28.99 -0.83
C GLU A 40 -0.23 28.74 -0.05
N ASN A 41 -0.28 27.89 0.97
CA ASN A 41 0.93 27.68 1.77
C ASN A 41 1.96 26.86 1.00
N VAL A 42 1.52 25.89 0.21
CA VAL A 42 2.45 25.15 -0.63
C VAL A 42 3.07 26.06 -1.68
N SER A 43 2.26 26.97 -2.26
CA SER A 43 2.81 27.91 -3.22
C SER A 43 3.84 28.82 -2.57
N LEU A 44 3.56 29.32 -1.38
CA LEU A 44 4.54 30.14 -0.66
C LEU A 44 5.82 29.36 -0.39
N ALA A 45 5.68 28.10 0.00
CA ALA A 45 6.85 27.27 0.26
C ALA A 45 7.68 27.05 -1.00
N LYS A 46 7.01 26.89 -2.15
CA LYS A 46 7.74 26.70 -3.41
C LYS A 46 8.45 27.96 -3.84
N ALA A 47 7.90 29.13 -3.50
CA ALA A 47 8.51 30.39 -3.90
C ALA A 47 9.64 30.80 -2.97
N LYS A 48 9.52 30.49 -1.68
CA LYS A 48 10.42 31.01 -0.65
C LYS A 48 11.38 29.97 -0.08
N GLY A 49 11.19 28.69 -0.39
CA GLY A 49 12.04 27.65 0.14
C GLY A 49 11.98 27.51 1.65
N VAL A 50 10.78 27.54 2.22
CA VAL A 50 10.58 27.48 3.67
C VAL A 50 9.37 26.60 3.97
N TRP A 51 9.35 26.07 5.18
CA TRP A 51 8.17 25.37 5.66
C TRP A 51 8.08 25.52 7.17
N SER A 52 6.84 25.52 7.67
CA SER A 52 6.59 25.53 9.11
C SER A 52 5.51 24.50 9.39
N THR A 53 5.55 23.92 10.59
CA THR A 53 4.60 22.87 10.94
C THR A 53 4.24 22.97 12.43
N LEU A 54 3.37 22.07 12.87
CA LEU A 54 2.95 22.06 14.27
C LEU A 54 4.16 21.75 15.14
N PRO A 55 4.17 22.24 16.39
CA PRO A 55 5.31 21.97 17.29
C PRO A 55 5.61 20.48 17.47
N VAL A 56 4.60 19.63 17.52
CA VAL A 56 4.82 18.20 17.66
CA VAL A 56 4.83 18.20 17.66
C VAL A 56 5.60 17.66 16.45
N ASN A 57 5.27 18.14 15.25
CA ASN A 57 5.97 17.70 14.05
C ASN A 57 7.34 18.36 13.94
N GLU A 58 7.44 19.61 14.36
CA GLU A 58 8.71 20.34 14.31
C GLU A 58 9.76 19.62 15.14
N LYS A 59 9.37 19.08 16.30
CA LYS A 59 10.30 18.30 17.11
C LYS A 59 10.75 17.05 16.38
N LYS A 60 9.82 16.36 15.70
CA LYS A 60 10.20 15.16 14.96
C LYS A 60 11.19 15.50 13.83
N LEU A 61 10.94 16.60 13.11
CA LEU A 61 11.79 16.93 11.97
C LEU A 61 13.18 17.38 12.42
N ASN A 62 13.26 18.12 13.53
CA ASN A 62 14.56 18.51 14.04
C ASN A 62 15.39 17.30 14.44
N LEU A 63 14.77 16.33 15.13
CA LEU A 63 15.48 15.09 15.47
C LEU A 63 15.94 14.37 14.21
N ALA A 64 15.06 14.28 13.21
CA ALA A 64 15.40 13.54 12.00
C ALA A 64 16.52 14.25 11.23
N PHE A 65 16.50 15.58 11.22
CA PHE A 65 17.50 16.34 10.47
C PHE A 65 18.91 16.05 10.96
N ARG A 66 19.09 15.90 12.28
CA ARG A 66 20.40 15.58 12.81
C ARG A 66 20.78 14.12 12.58
N SER A 67 19.80 13.26 12.31
CA SER A 67 19.96 11.82 12.33
C SER A 67 20.23 11.20 10.96
N ALA A 68 19.92 11.90 9.86
CA ALA A 68 19.93 11.26 8.55
C ALA A 68 20.59 12.19 7.54
N ARG A 69 21.15 11.59 6.49
CA ARG A 69 21.85 12.39 5.48
C ARG A 69 20.90 13.24 4.65
N SER A 70 19.63 12.84 4.53
CA SER A 70 18.61 13.66 3.89
C SER A 70 17.30 13.43 4.60
N VAL A 71 16.54 14.51 4.82
CA VAL A 71 15.17 14.41 5.32
C VAL A 71 14.27 15.00 4.25
N ILE A 72 13.36 14.19 3.73
CA ILE A 72 12.50 14.56 2.59
C ILE A 72 11.09 14.82 3.11
N LEU A 73 10.53 15.96 2.73
CA LEU A 73 9.12 16.27 3.00
C LEU A 73 8.34 16.06 1.71
N ILE A 74 7.26 15.31 1.78
CA ILE A 74 6.40 15.02 0.63
C ILE A 74 5.05 15.68 0.89
N PHE A 75 4.66 16.62 0.04
CA PHE A 75 3.59 17.57 0.33
C PHE A 75 2.27 17.15 -0.30
N SER A 76 1.18 17.28 0.46
CA SER A 76 -0.14 17.06 -0.08
C SER A 76 -1.10 18.09 0.49
N VAL A 77 -1.81 18.79 -0.39
CA VAL A 77 -2.88 19.70 0.01
C VAL A 77 -4.14 18.90 0.27
N ARG A 78 -4.72 19.09 1.46
CA ARG A 78 -5.92 18.36 1.85
C ARG A 78 -7.02 18.56 0.83
N GLU A 79 -7.72 17.48 0.50
CA GLU A 79 -8.82 17.43 -0.45
C GLU A 79 -8.40 17.54 -1.92
N SER A 80 -7.11 17.68 -2.22
CA SER A 80 -6.72 17.83 -3.62
C SER A 80 -6.60 16.50 -4.36
N GLY A 81 -6.54 15.38 -3.64
CA GLY A 81 -6.31 14.10 -4.29
C GLY A 81 -4.95 13.93 -4.91
N LYS A 82 -3.97 14.76 -4.52
CA LYS A 82 -2.67 14.73 -5.15
C LYS A 82 -1.61 15.09 -4.13
N PHE A 83 -0.36 14.73 -4.45
CA PHE A 83 0.82 15.34 -3.86
C PHE A 83 1.28 16.48 -4.77
N GLN A 84 1.85 17.54 -4.17
CA GLN A 84 2.28 18.69 -4.95
C GLN A 84 3.79 18.78 -5.13
N GLY A 85 4.56 17.82 -4.61
CA GLY A 85 5.99 17.79 -4.84
C GLY A 85 6.69 17.32 -3.58
N PHE A 86 8.02 17.40 -3.59
CA PHE A 86 8.80 17.02 -2.42
C PHE A 86 10.10 17.81 -2.37
N ALA A 87 10.65 17.93 -1.16
CA ALA A 87 11.74 18.84 -0.88
C ALA A 87 12.59 18.26 0.23
N ARG A 88 13.83 18.73 0.31
CA ARG A 88 14.80 18.26 1.31
C ARG A 88 15.05 19.35 2.35
N LEU A 89 14.98 19.00 3.63
CA LEU A 89 15.35 19.95 4.66
C LEU A 89 16.80 20.39 4.48
N SER A 90 17.04 21.70 4.54
CA SER A 90 18.42 22.18 4.55
C SER A 90 18.83 22.80 5.88
N SER A 91 17.93 22.81 6.87
CA SER A 91 18.19 23.40 8.17
C SER A 91 17.19 22.83 9.18
N GLU A 92 17.55 22.91 10.46
CA GLU A 92 16.56 22.73 11.52
C GLU A 92 15.67 23.98 11.57
N SER A 93 14.65 23.93 12.43
CA SER A 93 13.74 25.06 12.52
C SER A 93 14.42 26.24 13.22
N HIS A 94 14.01 27.45 12.82
CA HIS A 94 14.57 28.67 13.39
C HIS A 94 13.48 29.74 13.46
N HIS A 95 13.59 30.59 14.48
CA HIS A 95 12.64 31.67 14.72
C HIS A 95 13.31 33.02 14.49
N GLY A 96 12.47 34.04 14.33
CA GLY A 96 12.94 35.40 14.15
C GLY A 96 13.30 35.73 12.72
N PRO A 99 9.38 37.02 8.45
CA PRO A 99 8.08 36.40 8.74
C PRO A 99 7.44 35.83 7.47
N ILE A 100 6.57 34.83 7.64
CA ILE A 100 5.92 34.17 6.51
C ILE A 100 4.41 34.25 6.70
N HIS A 101 3.72 34.81 5.71
CA HIS A 101 2.28 35.02 5.77
C HIS A 101 1.52 33.73 5.41
N TRP A 102 1.68 32.71 6.27
CA TRP A 102 0.93 31.48 6.08
C TRP A 102 -0.57 31.76 6.24
N VAL A 103 -1.38 30.97 5.54
CA VAL A 103 -2.83 30.94 5.77
C VAL A 103 -3.11 29.88 6.83
N LEU A 104 -3.93 30.23 7.81
CA LEU A 104 -4.23 29.31 8.90
C LEU A 104 -5.71 28.95 8.97
N MET A 112 2.45 29.39 16.93
CA MET A 112 2.31 28.00 16.50
C MET A 112 3.27 27.68 15.33
N LEU A 113 2.87 28.05 14.11
CA LEU A 113 3.71 27.85 12.94
C LEU A 113 4.93 28.77 12.95
N GLY A 114 5.53 28.97 14.12
CA GLY A 114 6.61 29.93 14.27
C GLY A 114 7.98 29.39 13.88
N GLY A 115 8.21 28.10 14.06
CA GLY A 115 9.48 27.52 13.65
C GLY A 115 9.54 27.38 12.15
N VAL A 116 10.62 27.87 11.53
CA VAL A 116 10.75 27.90 10.09
C VAL A 116 11.95 27.06 9.67
N PHE A 117 11.70 26.08 8.80
CA PHE A 117 12.74 25.24 8.20
C PHE A 117 13.06 25.78 6.82
N LYS A 118 14.34 25.77 6.48
CA LYS A 118 14.74 26.00 5.10
C LYS A 118 14.71 24.67 4.34
N ILE A 119 14.20 24.72 3.10
CA ILE A 119 14.04 23.54 2.26
C ILE A 119 14.54 23.83 0.86
N ASP A 120 15.10 22.81 0.22
CA ASP A 120 15.45 22.82 -1.20
C ASP A 120 14.49 21.89 -1.93
N TRP A 121 13.78 22.43 -2.90
CA TRP A 121 12.83 21.63 -3.65
C TRP A 121 13.55 20.63 -4.53
N ILE A 122 13.04 19.40 -4.57
CA ILE A 122 13.58 18.38 -5.44
C ILE A 122 12.66 18.15 -6.62
N CYS A 123 11.35 18.31 -6.40
CA CYS A 123 10.37 18.18 -7.47
C CYS A 123 9.20 19.07 -7.13
N ARG A 124 8.85 20.00 -8.03
CA ARG A 124 7.68 20.86 -7.85
C ARG A 124 6.47 20.37 -8.64
N ARG A 125 6.52 19.18 -9.21
CA ARG A 125 5.44 18.63 -10.01
C ARG A 125 4.49 17.81 -9.13
N GLU A 126 3.26 17.66 -9.63
CA GLU A 126 2.20 16.94 -8.93
C GLU A 126 2.26 15.45 -9.23
N LEU A 127 1.70 14.68 -8.30
CA LEU A 127 1.48 13.25 -8.50
C LEU A 127 0.10 12.92 -7.94
N PRO A 128 -0.83 12.47 -8.76
CA PRO A 128 -2.16 12.10 -8.23
C PRO A 128 -2.08 10.84 -7.39
N PHE A 129 -2.94 10.80 -6.36
CA PHE A 129 -2.99 9.65 -5.46
C PHE A 129 -3.28 8.35 -6.22
N THR A 130 -4.00 8.44 -7.35
CA THR A 130 -4.27 7.23 -8.13
C THR A 130 -2.99 6.53 -8.55
N LYS A 131 -1.88 7.28 -8.71
CA LYS A 131 -0.64 6.67 -9.16
C LYS A 131 0.17 6.02 -8.04
N SER A 132 -0.16 6.27 -6.77
CA SER A 132 0.55 5.69 -5.64
C SER A 132 -0.27 4.63 -4.92
N ALA A 133 -1.34 4.16 -5.54
CA ALA A 133 -2.24 3.21 -4.88
C ALA A 133 -1.57 1.88 -4.57
N HIS A 134 -0.44 1.57 -5.20
CA HIS A 134 0.26 0.33 -4.94
C HIS A 134 1.31 0.42 -3.83
N LEU A 135 1.47 1.59 -3.20
CA LEU A 135 2.48 1.76 -2.15
C LEU A 135 1.78 1.92 -0.81
N THR A 136 2.22 1.12 0.16
CA THR A 136 1.70 1.21 1.52
C THR A 136 2.84 1.55 2.46
N ASN A 137 2.49 2.18 3.58
CA ASN A 137 3.46 2.70 4.55
C ASN A 137 3.45 1.81 5.76
N PRO A 138 4.52 1.04 6.00
CA PRO A 138 4.54 0.16 7.19
C PRO A 138 4.39 0.93 8.49
N TRP A 139 4.76 2.22 8.52
CA TRP A 139 4.64 2.98 9.76
C TRP A 139 3.26 3.55 9.98
N ASN A 140 2.34 3.37 9.04
CA ASN A 140 0.93 3.68 9.24
C ASN A 140 0.06 2.47 8.92
N GLU A 141 0.37 1.35 9.58
CA GLU A 141 -0.47 0.14 9.50
C GLU A 141 -0.60 -0.39 8.07
N HIS A 142 0.41 -0.12 7.24
CA HIS A 142 0.41 -0.54 5.84
C HIS A 142 -0.79 -0.01 5.07
N LYS A 143 -1.31 1.14 5.51
CA LYS A 143 -2.32 1.82 4.73
C LYS A 143 -1.65 2.47 3.52
N PRO A 144 -2.42 2.73 2.46
CA PRO A 144 -1.86 3.43 1.30
C PRO A 144 -1.15 4.71 1.72
N VAL A 145 -0.01 4.99 1.06
CA VAL A 145 0.89 6.04 1.53
C VAL A 145 0.23 7.42 1.54
N LYS A 146 -0.76 7.63 0.67
CA LYS A 146 -1.53 8.87 0.70
C LYS A 146 -2.24 9.12 2.02
N ILE A 147 -2.50 8.06 2.82
CA ILE A 147 -3.22 8.21 4.07
C ILE A 147 -2.25 8.45 5.20
N GLY A 148 -2.50 9.48 5.98
CA GLY A 148 -1.68 9.76 7.14
C GLY A 148 -1.86 11.19 7.59
N ARG A 149 -1.57 11.42 8.87
CA ARG A 149 -1.64 12.76 9.41
C ARG A 149 -0.43 13.57 8.98
N ASP A 150 -0.53 14.89 9.10
CA ASP A 150 0.60 15.77 8.90
C ASP A 150 1.72 15.34 9.83
N GLY A 151 2.91 15.10 9.27
CA GLY A 151 4.05 14.66 10.04
C GLY A 151 4.29 13.16 10.08
N GLN A 152 3.39 12.36 9.50
CA GLN A 152 3.55 10.91 9.52
C GLN A 152 4.83 10.50 8.82
N GLU A 153 5.69 9.74 9.50
CA GLU A 153 6.89 9.26 8.83
C GLU A 153 6.55 8.15 7.84
N ILE A 154 7.26 8.14 6.71
CA ILE A 154 7.11 7.14 5.67
C ILE A 154 8.40 6.30 5.63
N GLU A 155 8.25 4.98 5.77
CA GLU A 155 9.38 4.06 5.76
C GLU A 155 10.19 4.20 4.47
N LEU A 156 11.50 3.95 4.60
CA LEU A 156 12.48 4.19 3.55
C LEU A 156 12.05 3.67 2.18
N GLU A 157 11.68 2.39 2.09
CA GLU A 157 11.41 1.83 0.77
C GLU A 157 10.15 2.43 0.16
N CYS A 158 9.09 2.56 0.96
CA CYS A 158 7.89 3.25 0.50
C CYS A 158 8.21 4.67 0.04
N GLY A 159 8.94 5.43 0.86
CA GLY A 159 9.19 6.82 0.53
C GLY A 159 10.03 6.97 -0.73
N THR A 160 11.04 6.11 -0.88
CA THR A 160 11.88 6.14 -2.07
C THR A 160 11.06 5.88 -3.33
N GLN A 161 10.23 4.83 -3.30
CA GLN A 161 9.42 4.51 -4.46
C GLN A 161 8.40 5.61 -4.76
N LEU A 162 7.84 6.23 -3.72
CA LEU A 162 6.89 7.32 -3.94
C LEU A 162 7.57 8.49 -4.65
N CYS A 163 8.75 8.90 -4.17
CA CYS A 163 9.47 10.00 -4.83
C CYS A 163 9.80 9.66 -6.27
N LEU A 164 10.18 8.41 -6.54
CA LEU A 164 10.52 8.01 -7.90
C LEU A 164 9.33 8.01 -8.85
N LEU A 165 8.10 8.02 -8.32
CA LEU A 165 6.90 8.04 -9.15
C LEU A 165 6.62 9.42 -9.73
N PHE A 166 7.12 10.47 -9.09
CA PHE A 166 6.81 11.82 -9.54
C PHE A 166 7.38 12.04 -10.93
N PRO A 167 6.71 12.85 -11.76
CA PRO A 167 7.33 13.28 -13.02
C PRO A 167 8.64 13.97 -12.76
N PRO A 168 9.66 13.73 -13.58
CA PRO A 168 10.93 14.43 -13.40
C PRO A 168 10.72 15.93 -13.53
N ASP A 169 11.41 16.69 -12.68
CA ASP A 169 11.33 18.15 -12.70
C ASP A 169 12.64 18.64 -13.32
N GLU A 170 12.58 18.95 -14.61
CA GLU A 170 13.77 19.33 -15.35
C GLU A 170 14.26 20.73 -15.03
N SER A 171 13.50 21.51 -14.25
CA SER A 171 13.97 22.82 -13.85
C SER A 171 14.96 22.77 -12.70
N ILE A 172 15.11 21.61 -12.06
CA ILE A 172 15.90 21.50 -10.83
C ILE A 172 17.22 20.78 -11.14
N ASP A 173 18.32 21.30 -10.58
CA ASP A 173 19.64 20.70 -10.70
C ASP A 173 20.02 20.24 -9.30
N LEU A 174 20.11 18.92 -9.11
CA LEU A 174 20.43 18.36 -7.79
C LEU A 174 21.90 18.48 -7.41
N TYR A 175 22.72 19.06 -8.28
CA TYR A 175 24.14 19.17 -7.97
C TYR A 175 24.38 19.97 -6.70
N GLN A 176 23.68 21.11 -6.54
CA GLN A 176 23.90 21.92 -5.35
C GLN A 176 23.31 21.27 -4.10
N VAL A 177 22.26 20.46 -4.26
CA VAL A 177 21.70 19.71 -3.15
C VAL A 177 22.71 18.68 -2.63
N ILE A 178 23.30 17.92 -3.55
CA ILE A 178 24.28 16.91 -3.19
C ILE A 178 25.42 17.53 -2.41
N HIS A 179 25.80 18.77 -2.73
CA HIS A 179 26.92 19.41 -2.07
C HIS A 179 26.57 20.00 -0.71
N LYS A 180 25.35 19.82 -0.23
CA LYS A 180 24.98 20.17 1.13
C LYS A 180 24.97 18.97 2.07
N MET A 181 25.06 17.76 1.53
CA MET A 181 24.95 16.55 2.33
C MET A 181 26.28 16.15 2.95
N GLY B 18 -20.33 -6.48 -17.51
CA GLY B 18 -20.96 -7.79 -17.47
C GLY B 18 -20.06 -8.85 -16.87
N THR B 19 -20.56 -10.08 -16.77
CA THR B 19 -19.87 -11.13 -16.05
C THR B 19 -19.16 -12.14 -16.95
N SER B 20 -19.13 -11.92 -18.27
CA SER B 20 -18.52 -12.89 -19.17
C SER B 20 -17.05 -13.11 -18.83
N LYS B 21 -16.31 -12.02 -18.60
CA LYS B 21 -14.89 -12.14 -18.29
C LYS B 21 -14.68 -12.88 -16.98
N LEU B 22 -15.41 -12.48 -15.93
CA LEU B 22 -15.22 -13.12 -14.63
C LEU B 22 -15.60 -14.60 -14.69
N LYS B 23 -16.71 -14.92 -15.37
CA LYS B 23 -17.10 -16.33 -15.46
C LYS B 23 -16.05 -17.15 -16.18
N TYR B 24 -15.41 -16.56 -17.20
CA TYR B 24 -14.31 -17.23 -17.89
C TYR B 24 -13.15 -17.49 -16.93
N VAL B 25 -12.77 -16.49 -16.14
CA VAL B 25 -11.65 -16.64 -15.20
C VAL B 25 -11.94 -17.77 -14.23
N LEU B 26 -13.20 -17.92 -13.83
CA LEU B 26 -13.56 -18.84 -12.77
C LEU B 26 -13.92 -20.23 -13.28
N GLN B 27 -13.94 -20.44 -14.59
CA GLN B 27 -14.22 -21.77 -15.11
C GLN B 27 -13.14 -22.73 -14.62
N ASP B 28 -13.56 -23.88 -14.11
CA ASP B 28 -12.63 -24.92 -13.67
C ASP B 28 -11.70 -24.44 -12.56
N ALA B 29 -12.16 -23.54 -11.70
CA ALA B 29 -11.33 -22.97 -10.66
C ALA B 29 -11.43 -23.79 -9.37
N ARG B 30 -10.41 -23.64 -8.53
CA ARG B 30 -10.47 -24.08 -7.14
C ARG B 30 -10.47 -22.84 -6.24
N PHE B 31 -11.14 -22.93 -5.10
CA PHE B 31 -11.38 -21.78 -4.24
C PHE B 31 -10.97 -22.11 -2.82
N PHE B 32 -10.28 -21.17 -2.17
CA PHE B 32 -9.85 -21.34 -0.78
C PHE B 32 -10.14 -20.08 0.04
N LEU B 33 -10.74 -20.28 1.21
CA LEU B 33 -10.94 -19.20 2.16
C LEU B 33 -9.61 -18.86 2.81
N ILE B 34 -9.32 -17.57 2.93
CA ILE B 34 -8.11 -17.07 3.58
C ILE B 34 -8.53 -16.18 4.74
N LYS B 35 -8.03 -16.48 5.93
CA LYS B 35 -8.35 -15.69 7.11
C LYS B 35 -7.13 -14.90 7.55
N SER B 36 -7.30 -13.61 7.73
CA SER B 36 -6.24 -12.75 8.26
C SER B 36 -6.63 -12.28 9.65
N ASN B 37 -5.63 -12.15 10.53
CA ASN B 37 -5.92 -11.68 11.89
C ASN B 37 -6.26 -10.19 11.92
N ASN B 38 -5.83 -9.43 10.91
CA ASN B 38 -6.03 -8.00 10.94
C ASN B 38 -6.13 -7.48 9.51
N HIS B 39 -6.55 -6.22 9.40
CA HIS B 39 -6.62 -5.59 8.09
C HIS B 39 -5.25 -5.24 7.54
N GLU B 40 -4.25 -5.06 8.40
CA GLU B 40 -2.95 -4.58 7.93
C GLU B 40 -2.35 -5.52 6.87
N ASN B 41 -2.39 -6.83 7.13
CA ASN B 41 -1.78 -7.74 6.17
C ASN B 41 -2.56 -7.78 4.85
N VAL B 42 -3.88 -7.63 4.92
CA VAL B 42 -4.68 -7.57 3.70
C VAL B 42 -4.37 -6.31 2.91
N SER B 43 -4.18 -5.19 3.60
CA SER B 43 -3.87 -3.95 2.90
C SER B 43 -2.50 -4.05 2.20
N LEU B 44 -1.50 -4.61 2.89
CA LEU B 44 -0.23 -4.90 2.23
C LEU B 44 -0.43 -5.75 0.99
N ALA B 45 -1.15 -6.86 1.13
CA ALA B 45 -1.32 -7.81 0.03
C ALA B 45 -2.07 -7.19 -1.13
N LYS B 46 -3.06 -6.33 -0.84
CA LYS B 46 -3.85 -5.71 -1.91
C LYS B 46 -3.00 -4.80 -2.76
N ALA B 47 -2.05 -4.09 -2.14
CA ALA B 47 -1.22 -3.15 -2.90
C ALA B 47 -0.11 -3.86 -3.65
N LYS B 48 0.47 -4.90 -3.05
CA LYS B 48 1.68 -5.53 -3.56
C LYS B 48 1.41 -6.77 -4.40
N GLY B 49 0.23 -7.38 -4.27
CA GLY B 49 -0.07 -8.59 -5.03
C GLY B 49 0.68 -9.81 -4.53
N VAL B 50 0.70 -10.01 -3.22
CA VAL B 50 1.40 -11.12 -2.60
C VAL B 50 0.58 -11.69 -1.46
N TRP B 51 0.80 -12.97 -1.18
CA TRP B 51 0.25 -13.60 0.01
C TRP B 51 1.19 -14.69 0.50
N SER B 52 1.16 -14.92 1.81
CA SER B 52 1.82 -16.06 2.43
C SER B 52 0.87 -16.68 3.44
N THR B 53 1.00 -17.99 3.63
CA THR B 53 0.14 -18.69 4.56
C THR B 53 0.97 -19.71 5.32
N LEU B 54 0.30 -20.43 6.21
CA LEU B 54 1.00 -21.42 7.02
C LEU B 54 1.38 -22.62 6.16
N PRO B 55 2.44 -23.35 6.54
CA PRO B 55 3.00 -24.34 5.61
C PRO B 55 2.01 -25.41 5.16
N VAL B 56 1.07 -25.81 6.01
CA VAL B 56 0.12 -26.85 5.61
C VAL B 56 -0.78 -26.33 4.50
N ASN B 57 -1.23 -25.08 4.62
CA ASN B 57 -2.02 -24.46 3.56
C ASN B 57 -1.17 -24.17 2.34
N GLU B 58 0.11 -23.80 2.54
CA GLU B 58 0.99 -23.53 1.40
C GLU B 58 1.11 -24.74 0.50
N LYS B 59 1.23 -25.94 1.09
CA LYS B 59 1.31 -27.15 0.29
C LYS B 59 0.01 -27.39 -0.48
N LYS B 60 -1.13 -27.20 0.17
CA LYS B 60 -2.41 -27.36 -0.50
C LYS B 60 -2.53 -26.41 -1.69
N LEU B 61 -2.12 -25.15 -1.50
CA LEU B 61 -2.26 -24.15 -2.54
C LEU B 61 -1.30 -24.42 -3.69
N ASN B 62 -0.10 -24.93 -3.41
CA ASN B 62 0.81 -25.30 -4.48
C ASN B 62 0.26 -26.46 -5.30
N LEU B 63 -0.31 -27.47 -4.63
CA LEU B 63 -0.93 -28.58 -5.34
C LEU B 63 -2.05 -28.08 -6.24
N ALA B 64 -2.89 -27.19 -5.73
CA ALA B 64 -4.02 -26.70 -6.50
C ALA B 64 -3.56 -25.87 -7.69
N PHE B 65 -2.48 -25.11 -7.52
CA PHE B 65 -1.99 -24.27 -8.61
C PHE B 65 -1.59 -25.10 -9.82
N ARG B 66 -1.05 -26.30 -9.59
CA ARG B 66 -0.59 -27.14 -10.69
C ARG B 66 -1.70 -27.97 -11.30
N SER B 67 -2.83 -28.10 -10.61
CA SER B 67 -3.93 -28.95 -11.05
C SER B 67 -5.09 -28.19 -11.65
N ALA B 68 -5.26 -26.92 -11.26
CA ALA B 68 -6.45 -26.15 -11.60
C ALA B 68 -6.11 -25.01 -12.55
N ARG B 69 -7.04 -24.70 -13.45
CA ARG B 69 -6.87 -23.61 -14.39
C ARG B 69 -6.69 -22.28 -13.66
N SER B 70 -7.43 -22.08 -12.58
CA SER B 70 -7.30 -20.91 -11.72
C SER B 70 -7.45 -21.36 -10.27
N VAL B 71 -6.69 -20.75 -9.38
CA VAL B 71 -6.84 -20.93 -7.94
C VAL B 71 -7.18 -19.57 -7.33
N ILE B 72 -8.33 -19.50 -6.67
CA ILE B 72 -8.88 -18.26 -6.16
C ILE B 72 -8.80 -18.26 -4.64
N LEU B 73 -8.25 -17.19 -4.07
CA LEU B 73 -8.23 -16.96 -2.63
C LEU B 73 -9.30 -15.94 -2.29
N ILE B 74 -10.17 -16.26 -1.34
CA ILE B 74 -11.24 -15.36 -0.92
C ILE B 74 -10.94 -14.93 0.51
N PHE B 75 -10.74 -13.63 0.73
CA PHE B 75 -10.19 -13.12 1.96
C PHE B 75 -11.26 -12.70 2.96
N SER B 76 -11.06 -13.07 4.22
CA SER B 76 -11.91 -12.59 5.30
C SER B 76 -11.06 -12.31 6.53
N VAL B 77 -11.06 -11.07 6.99
CA VAL B 77 -10.37 -10.72 8.23
C VAL B 77 -11.22 -11.21 9.40
N ARG B 78 -10.58 -11.91 10.34
CA ARG B 78 -11.29 -12.45 11.49
C ARG B 78 -12.06 -11.37 12.23
N GLU B 79 -13.30 -11.70 12.60
CA GLU B 79 -14.22 -10.84 13.33
C GLU B 79 -14.69 -9.62 12.55
N SER B 80 -14.35 -9.51 11.27
CA SER B 80 -14.80 -8.35 10.51
C SER B 80 -16.24 -8.48 10.04
N GLY B 81 -16.81 -9.69 10.05
CA GLY B 81 -18.13 -9.90 9.49
C GLY B 81 -18.23 -9.72 8.00
N LYS B 82 -17.10 -9.69 7.29
CA LYS B 82 -17.10 -9.44 5.86
C LYS B 82 -15.99 -10.24 5.18
N PHE B 83 -16.14 -10.38 3.86
CA PHE B 83 -15.01 -10.71 2.98
C PHE B 83 -14.46 -9.40 2.47
N GLN B 84 -13.14 -9.34 2.27
CA GLN B 84 -12.48 -8.11 1.82
C GLN B 84 -12.08 -8.15 0.35
N GLY B 85 -12.36 -9.23 -0.35
CA GLY B 85 -12.03 -9.35 -1.76
C GLY B 85 -11.54 -10.72 -2.15
N PHE B 86 -11.17 -10.90 -3.42
CA PHE B 86 -10.64 -12.18 -3.86
C PHE B 86 -9.61 -11.99 -4.94
N ALA B 87 -8.72 -12.98 -5.06
CA ALA B 87 -7.55 -12.88 -5.93
C ALA B 87 -7.24 -14.25 -6.52
N ARG B 88 -6.49 -14.25 -7.61
CA ARG B 88 -6.08 -15.47 -8.28
C ARG B 88 -4.57 -15.66 -8.15
N LEU B 89 -4.15 -16.87 -7.77
CA LEU B 89 -2.72 -17.17 -7.76
C LEU B 89 -2.14 -17.04 -9.16
N SER B 90 -1.03 -16.32 -9.29
CA SER B 90 -0.28 -16.32 -10.54
C SER B 90 0.99 -17.14 -10.46
N SER B 91 1.35 -17.64 -9.27
CA SER B 91 2.56 -18.43 -9.08
C SER B 91 2.34 -19.40 -7.93
N GLU B 92 3.14 -20.47 -7.94
CA GLU B 92 3.35 -21.23 -6.73
C GLU B 92 4.10 -20.38 -5.71
N SER B 93 4.22 -20.89 -4.50
CA SER B 93 5.01 -20.17 -3.51
C SER B 93 6.48 -20.20 -3.91
N HIS B 94 7.18 -19.10 -3.67
CA HIS B 94 8.62 -19.01 -3.93
C HIS B 94 9.31 -18.56 -2.65
N HIS B 95 10.49 -19.12 -2.41
CA HIS B 95 11.18 -18.87 -1.16
C HIS B 95 12.34 -17.90 -1.35
N GLY B 96 12.74 -17.30 -0.24
CA GLY B 96 13.64 -16.16 -0.34
C GLY B 96 12.90 -15.02 -1.00
N GLY B 97 13.48 -14.48 -2.08
CA GLY B 97 12.86 -13.36 -2.76
C GLY B 97 12.87 -12.13 -1.86
N SER B 98 12.21 -11.09 -2.36
CA SER B 98 12.10 -9.85 -1.60
C SER B 98 11.33 -10.13 -0.30
N PRO B 99 11.94 -9.92 0.87
CA PRO B 99 11.26 -10.27 2.13
C PRO B 99 10.05 -9.37 2.39
N ILE B 100 8.87 -9.99 2.48
CA ILE B 100 7.65 -9.26 2.80
C ILE B 100 7.57 -9.09 4.31
N HIS B 101 7.21 -7.89 4.75
CA HIS B 101 7.14 -7.57 6.17
C HIS B 101 5.72 -7.66 6.71
N TRP B 102 5.16 -8.87 6.66
CA TRP B 102 3.85 -9.08 7.28
C TRP B 102 3.88 -8.68 8.73
N VAL B 103 2.76 -8.19 9.23
CA VAL B 103 2.60 -8.11 10.67
C VAL B 103 2.54 -9.55 11.12
N LEU B 104 3.66 -10.05 11.63
CA LEU B 104 3.74 -11.42 12.09
C LEU B 104 2.95 -11.53 13.38
N PRO B 105 1.94 -12.37 13.45
CA PRO B 105 1.22 -12.55 14.72
C PRO B 105 2.12 -13.17 15.77
N ALA B 106 1.76 -12.92 17.03
CA ALA B 106 2.58 -13.35 18.16
C ALA B 106 2.84 -14.85 18.09
N GLY B 107 4.09 -15.23 18.38
CA GLY B 107 4.46 -16.64 18.34
C GLY B 107 4.56 -17.21 16.95
N MET B 108 4.68 -16.38 15.93
CA MET B 108 4.86 -16.83 14.56
C MET B 108 6.14 -16.22 14.00
N SER B 109 6.98 -17.06 13.41
CA SER B 109 8.24 -16.60 12.84
C SER B 109 8.04 -16.21 11.38
N ALA B 110 8.97 -15.40 10.88
CA ALA B 110 8.94 -15.03 9.46
C ALA B 110 9.03 -16.27 8.57
N LYS B 111 9.84 -17.25 8.98
CA LYS B 111 9.94 -18.50 8.24
C LYS B 111 8.65 -19.31 8.29
N MET B 112 7.83 -19.11 9.33
CA MET B 112 6.60 -19.88 9.44
C MET B 112 5.64 -19.57 8.30
N LEU B 113 5.51 -18.29 7.94
CA LEU B 113 4.73 -17.95 6.76
C LEU B 113 5.46 -18.36 5.50
N GLY B 114 6.64 -17.78 5.26
CA GLY B 114 7.63 -18.40 4.39
C GLY B 114 7.47 -18.19 2.90
N GLY B 115 6.80 -19.13 2.23
CA GLY B 115 6.64 -19.01 0.80
C GLY B 115 5.79 -17.81 0.44
N VAL B 116 6.13 -17.14 -0.65
CA VAL B 116 5.39 -15.98 -1.15
C VAL B 116 4.73 -16.38 -2.45
N PHE B 117 3.39 -16.33 -2.46
CA PHE B 117 2.62 -16.49 -3.69
C PHE B 117 2.41 -15.12 -4.31
N LYS B 118 2.64 -15.03 -5.61
CA LYS B 118 2.17 -13.87 -6.36
C LYS B 118 0.70 -14.07 -6.65
N ILE B 119 -0.08 -13.00 -6.44
CA ILE B 119 -1.52 -13.04 -6.70
C ILE B 119 -1.92 -11.82 -7.52
N ASP B 120 -2.95 -12.00 -8.34
CA ASP B 120 -3.59 -10.91 -9.05
C ASP B 120 -4.99 -10.74 -8.47
N TRP B 121 -5.26 -9.56 -7.92
CA TRP B 121 -6.58 -9.30 -7.35
C TRP B 121 -7.62 -9.21 -8.45
N ILE B 122 -8.79 -9.77 -8.18
CA ILE B 122 -9.94 -9.72 -9.08
C ILE B 122 -10.97 -8.73 -8.53
N CYS B 123 -11.06 -8.64 -7.20
CA CYS B 123 -11.96 -7.69 -6.55
C CYS B 123 -11.33 -7.34 -5.22
N ARG B 124 -11.19 -6.05 -4.93
CA ARG B 124 -10.67 -5.59 -3.66
C ARG B 124 -11.76 -4.92 -2.81
N ARG B 125 -13.02 -5.07 -3.21
CA ARG B 125 -14.16 -4.51 -2.51
C ARG B 125 -14.76 -5.53 -1.54
N GLU B 126 -15.40 -5.00 -0.51
CA GLU B 126 -15.93 -5.84 0.56
C GLU B 126 -17.28 -6.43 0.18
N LEU B 127 -17.54 -7.62 0.72
CA LEU B 127 -18.85 -8.26 0.66
C LEU B 127 -19.22 -8.66 2.07
N PRO B 128 -20.26 -8.08 2.66
CA PRO B 128 -20.64 -8.46 4.03
C PRO B 128 -21.24 -9.86 4.05
N PHE B 129 -21.03 -10.56 5.17
CA PHE B 129 -21.61 -11.89 5.31
C PHE B 129 -23.12 -11.87 5.15
N THR B 130 -23.77 -10.73 5.40
CA THR B 130 -25.22 -10.65 5.22
C THR B 130 -25.63 -10.83 3.77
N LYS B 131 -24.71 -10.71 2.82
CA LYS B 131 -25.02 -10.90 1.42
C LYS B 131 -24.70 -12.29 0.91
N SER B 132 -24.09 -13.15 1.73
CA SER B 132 -23.74 -14.51 1.32
C SER B 132 -24.46 -15.56 2.16
N ALA B 133 -25.49 -15.13 2.90
CA ALA B 133 -26.14 -15.99 3.89
C ALA B 133 -26.88 -17.16 3.25
N HIS B 134 -27.21 -17.07 1.96
CA HIS B 134 -27.90 -18.15 1.27
C HIS B 134 -26.94 -19.21 0.72
N LEU B 135 -25.63 -19.00 0.79
CA LEU B 135 -24.66 -19.91 0.18
C LEU B 135 -24.03 -20.81 1.22
N THR B 136 -24.04 -22.12 0.95
CA THR B 136 -23.46 -23.12 1.83
C THR B 136 -22.43 -23.93 1.06
N ASN B 137 -21.39 -24.38 1.76
CA ASN B 137 -20.27 -25.08 1.14
C ASN B 137 -20.43 -26.57 1.36
N PRO B 138 -20.68 -27.36 0.30
CA PRO B 138 -20.85 -28.81 0.48
C PRO B 138 -19.63 -29.52 1.03
N TRP B 139 -18.43 -28.97 0.82
CA TRP B 139 -17.21 -29.57 1.34
C TRP B 139 -16.88 -29.10 2.75
N ASN B 140 -17.80 -28.39 3.41
CA ASN B 140 -17.71 -28.08 4.82
C ASN B 140 -19.05 -28.31 5.48
N GLU B 141 -19.61 -29.51 5.26
CA GLU B 141 -20.84 -29.96 5.91
C GLU B 141 -22.04 -29.09 5.59
N HIS B 142 -22.01 -28.40 4.44
CA HIS B 142 -23.12 -27.56 3.99
C HIS B 142 -23.40 -26.43 4.97
N LYS B 143 -22.33 -25.98 5.67
CA LYS B 143 -22.38 -24.80 6.52
C LYS B 143 -22.28 -23.55 5.66
N PRO B 144 -22.88 -22.44 6.11
CA PRO B 144 -22.73 -21.17 5.38
C PRO B 144 -21.28 -20.91 5.02
N VAL B 145 -21.06 -20.37 3.82
CA VAL B 145 -19.71 -20.24 3.29
C VAL B 145 -18.85 -19.28 4.11
N LYS B 146 -19.48 -18.40 4.89
CA LYS B 146 -18.72 -17.53 5.79
C LYS B 146 -17.97 -18.31 6.86
N ILE B 147 -18.40 -19.54 7.15
CA ILE B 147 -17.80 -20.35 8.19
C ILE B 147 -16.66 -21.17 7.59
N GLY B 148 -15.48 -21.09 8.17
CA GLY B 148 -14.40 -21.97 7.77
C GLY B 148 -13.09 -21.52 8.36
N ARG B 149 -12.11 -22.41 8.28
CA ARG B 149 -10.78 -22.10 8.77
C ARG B 149 -9.94 -21.49 7.66
N ASP B 150 -8.83 -20.89 8.06
CA ASP B 150 -7.84 -20.46 7.09
C ASP B 150 -7.46 -21.64 6.20
N GLY B 151 -7.60 -21.45 4.89
CA GLY B 151 -7.30 -22.51 3.94
C GLY B 151 -8.46 -23.43 3.61
N GLN B 152 -9.64 -23.22 4.17
CA GLN B 152 -10.77 -24.11 3.89
C GLN B 152 -11.08 -24.07 2.40
N GLU B 153 -11.14 -25.25 1.78
CA GLU B 153 -11.49 -25.29 0.36
C GLU B 153 -12.99 -25.21 0.14
N ILE B 154 -13.38 -24.43 -0.87
CA ILE B 154 -14.79 -24.18 -1.17
C ILE B 154 -15.12 -24.86 -2.50
N GLU B 155 -16.19 -25.66 -2.51
CA GLU B 155 -16.62 -26.38 -3.69
C GLU B 155 -16.90 -25.40 -4.84
N LEU B 156 -16.69 -25.90 -6.07
CA LEU B 156 -16.67 -25.06 -7.28
C LEU B 156 -17.90 -24.16 -7.41
N GLU B 157 -19.11 -24.74 -7.34
CA GLU B 157 -20.29 -23.93 -7.58
C GLU B 157 -20.51 -22.90 -6.47
N CYS B 158 -20.28 -23.30 -5.22
CA CYS B 158 -20.40 -22.35 -4.12
C CYS B 158 -19.39 -21.21 -4.27
N GLY B 159 -18.14 -21.54 -4.58
CA GLY B 159 -17.13 -20.50 -4.71
C GLY B 159 -17.40 -19.58 -5.88
N THR B 160 -17.93 -20.13 -6.97
CA THR B 160 -18.28 -19.31 -8.12
C THR B 160 -19.39 -18.33 -7.78
N GLN B 161 -20.47 -18.83 -7.19
CA GLN B 161 -21.56 -17.94 -6.79
C GLN B 161 -21.10 -16.90 -5.77
N LEU B 162 -20.25 -17.30 -4.81
CA LEU B 162 -19.71 -16.33 -3.87
C LEU B 162 -18.94 -15.20 -4.59
N CYS B 163 -18.05 -15.56 -5.51
CA CYS B 163 -17.27 -14.54 -6.21
C CYS B 163 -18.19 -13.62 -7.01
N LEU B 164 -19.26 -14.16 -7.58
CA LEU B 164 -20.16 -13.34 -8.38
C LEU B 164 -20.98 -12.37 -7.54
N LEU B 165 -21.06 -12.58 -6.22
CA LEU B 165 -21.79 -11.65 -5.37
C LEU B 165 -21.04 -10.34 -5.14
N PHE B 166 -19.71 -10.35 -5.28
CA PHE B 166 -18.94 -9.14 -5.02
C PHE B 166 -19.31 -8.04 -6.02
N PRO B 167 -19.25 -6.78 -5.61
CA PRO B 167 -19.52 -5.69 -6.55
C PRO B 167 -18.38 -5.54 -7.54
N PRO B 168 -18.65 -4.99 -8.72
CA PRO B 168 -17.57 -4.75 -9.68
C PRO B 168 -16.55 -3.77 -9.11
N ASP B 169 -15.28 -4.02 -9.41
CA ASP B 169 -14.19 -3.19 -8.90
C ASP B 169 -13.56 -2.44 -10.08
N GLU B 170 -13.80 -1.12 -10.12
CA GLU B 170 -13.30 -0.28 -11.21
C GLU B 170 -11.79 -0.10 -11.19
N SER B 171 -11.12 -0.46 -10.10
CA SER B 171 -9.66 -0.37 -10.06
C SER B 171 -8.97 -1.56 -10.72
N ILE B 172 -9.71 -2.60 -11.07
CA ILE B 172 -9.16 -3.85 -11.57
C ILE B 172 -9.40 -3.98 -13.07
N ASP B 173 -8.39 -4.44 -13.78
CA ASP B 173 -8.47 -4.78 -15.20
C ASP B 173 -8.14 -6.26 -15.34
N LEU B 174 -9.11 -7.05 -15.79
CA LEU B 174 -8.90 -8.50 -15.91
C LEU B 174 -8.02 -8.89 -17.07
N TYR B 175 -7.58 -7.93 -17.89
CA TYR B 175 -6.87 -8.24 -19.12
C TYR B 175 -5.63 -9.08 -18.84
N GLN B 176 -4.84 -8.68 -17.85
CA GLN B 176 -3.59 -9.39 -17.58
C GLN B 176 -3.85 -10.80 -17.07
N VAL B 177 -4.85 -10.97 -16.22
CA VAL B 177 -5.20 -12.31 -15.73
C VAL B 177 -5.61 -13.20 -16.89
N ILE B 178 -6.54 -12.71 -17.72
CA ILE B 178 -7.00 -13.52 -18.85
C ILE B 178 -5.85 -13.87 -19.79
N HIS B 179 -4.84 -12.99 -19.87
CA HIS B 179 -3.68 -13.25 -20.71
C HIS B 179 -2.80 -14.37 -20.16
N LYS B 180 -2.72 -14.51 -18.84
CA LYS B 180 -1.84 -15.50 -18.24
C LYS B 180 -2.52 -16.84 -17.96
N MET B 181 -3.71 -17.06 -18.50
CA MET B 181 -4.36 -18.36 -18.39
C MET B 181 -4.10 -19.19 -19.64
C10 M4N C . -4.33 21.00 10.47
C13 M4N C . -1.74 20.03 10.80
C01 M4N C . 2.76 26.05 6.67
C03 M4N C . 0.89 24.49 7.31
C04 M4N C . 0.43 23.32 8.14
C07 M4N C . -0.80 21.87 9.31
C08 M4N C . -1.95 21.15 10.00
C09 M4N C . -3.24 21.62 9.84
C11 M4N C . -4.09 19.88 11.25
C12 M4N C . -2.81 19.40 11.43
C14 M4N C . -0.89 23.06 8.58
N02 M4N C . 2.26 24.94 7.45
N05 M4N C . 1.19 22.36 8.58
N06 M4N C . 0.46 21.49 9.28
O15 M4N C . 0.13 25.03 6.56
C10 M4N D . -4.38 -19.54 11.48
C13 M4N D . -3.14 -17.09 11.82
C01 M4N D . 0.08 -13.05 5.57
C03 M4N D . -1.27 -14.07 7.43
C04 M4N D . -1.93 -15.31 7.98
C07 M4N D . -2.81 -16.85 9.33
C08 M4N D . -3.30 -17.61 10.55
C09 M4N D . -3.92 -18.84 10.37
C11 M4N D . -4.22 -19.03 12.76
C12 M4N D . -3.59 -17.80 12.93
C14 M4N D . -2.20 -15.58 9.34
N02 M4N D . -0.58 -14.18 6.18
N05 M4N D . -2.33 -16.34 7.27
N06 M4N D . -2.85 -17.26 8.09
O15 M4N D . -1.32 -13.04 8.03
S SO4 E . -15.36 -1.02 -0.77
O1 SO4 E . -16.46 -1.39 -1.64
O2 SO4 E . -14.19 -0.62 -1.56
O3 SO4 E . -14.96 -2.17 0.04
O4 SO4 E . -15.77 0.09 0.08
S SO4 F . -8.67 -29.86 3.65
O1 SO4 F . -9.50 -28.83 3.04
O2 SO4 F . -8.09 -30.76 2.66
O3 SO4 F . -7.58 -29.25 4.41
O4 SO4 F . -9.52 -30.66 4.53
S SO4 G . -16.34 -5.65 -20.11
O1 SO4 G . -16.15 -4.54 -21.06
O2 SO4 G . -16.25 -6.90 -20.83
O3 SO4 G . -17.64 -5.52 -19.46
O4 SO4 G . -15.27 -5.60 -19.10
S SO4 H . -7.96 -21.35 12.01
O1 SO4 H . -8.15 -20.45 10.85
O2 SO4 H . -9.21 -22.03 12.31
O3 SO4 H . -7.53 -20.54 13.15
O4 SO4 H . -6.91 -22.32 11.69
S SO4 I . 11.03 -22.35 -4.51
O1 SO4 I . 11.01 -21.45 -5.66
O2 SO4 I . 11.64 -23.62 -4.90
O3 SO4 I . 9.66 -22.61 -4.06
O4 SO4 I . 11.78 -21.72 -3.43
#